data_3FH9
#
_entry.id   3FH9
#
_cell.length_a   94.969
_cell.length_b   64.669
_cell.length_c   64.766
_cell.angle_alpha   90.00
_cell.angle_beta   129.61
_cell.angle_gamma   90.00
#
_symmetry.space_group_name_H-M   'C 1 2 1'
#
loop_
_entity.id
_entity.type
_entity.pdbx_description
1 polymer 'Hemoglobin alpha chain'
2 polymer 'Hemoglobin beta chain'
3 non-polymer 'PROTOPORPHYRIN IX CONTAINING FE'
4 non-polymer 'OXYGEN MOLECULE'
5 water water
#
loop_
_entity_poly.entity_id
_entity_poly.type
_entity_poly.pdbx_seq_one_letter_code
_entity_poly.pdbx_strand_id
1 'polypeptide(L)'
;VLSSTDKSNVKAAWDKVGGNVGEYGAEALERMFLSFPTTKTYFPHFDLAHGSSQVKAHGKKVGDALTNAVGHIDDLPGAL
SALSDLHAYKLRVDPVNFKLLSHCLLVTLASHLPSDFTPAVHASLDKFLASVSTVLTSKYR
;
A
2 'polypeptide(L)'
;VHLSGEEKAAVTGLWGKVKVDEVGGEALGRLLVVYPWTQRFFDSFGDLSSASAVMGNPKVKAHGKKVLDSFSEGLQHLDN
LKGTFAKLSELHCDKLHVDPENFRLLGNVLVCVLARHFGKEFTPQVQAAYQKVVAGVANALAHKYH
;
B
#
loop_
_chem_comp.id
_chem_comp.type
_chem_comp.name
_chem_comp.formula
HEM non-polymer 'PROTOPORPHYRIN IX CONTAINING FE' 'C34 H32 Fe N4 O4'
OXY non-polymer 'OXYGEN MOLECULE' O2
#
# COMPACT_ATOMS: atom_id res chain seq x y z
N VAL A 1 17.91 -6.54 11.26
CA VAL A 1 16.91 -6.26 10.16
C VAL A 1 15.92 -5.09 10.43
N LEU A 2 15.22 -5.09 11.58
CA LEU A 2 14.71 -3.83 12.14
C LEU A 2 15.83 -3.15 12.93
N SER A 3 16.13 -1.89 12.58
CA SER A 3 17.16 -1.10 13.29
C SER A 3 16.64 -0.52 14.60
N SER A 4 17.55 -0.02 15.43
CA SER A 4 17.15 0.72 16.64
C SER A 4 16.24 1.90 16.26
N THR A 5 16.59 2.58 15.17
CA THR A 5 15.78 3.68 14.63
C THR A 5 14.38 3.21 14.19
N ASP A 6 14.31 2.07 13.47
CA ASP A 6 13.02 1.48 13.09
C ASP A 6 12.12 1.22 14.32
N LYS A 7 12.71 0.67 15.39
CA LYS A 7 11.97 0.35 16.64
C LYS A 7 11.37 1.61 17.29
N SER A 8 12.18 2.66 17.40
CA SER A 8 11.72 3.97 17.87
C SER A 8 10.55 4.54 17.01
N ASN A 9 10.66 4.43 15.67
CA ASN A 9 9.60 4.92 14.75
C ASN A 9 8.28 4.17 14.93
N VAL A 10 8.35 2.85 15.02
CA VAL A 10 7.15 2.03 15.20
C VAL A 10 6.45 2.35 16.53
N LYS A 11 7.24 2.48 17.60
CA LYS A 11 6.71 2.83 18.93
C LYS A 11 6.06 4.22 18.95
N ALA A 12 6.66 5.16 18.20
CA ALA A 12 6.11 6.52 18.04
C ALA A 12 4.73 6.51 17.36
N ALA A 13 4.61 5.76 16.27
CA ALA A 13 3.33 5.65 15.55
C ALA A 13 2.27 5.04 16.46
N TRP A 14 2.65 4.02 17.21
CA TRP A 14 1.71 3.29 18.05
C TRP A 14 1.20 4.13 19.24
N ASP A 15 2.08 5.00 19.76
CA ASP A 15 1.71 6.01 20.76
C ASP A 15 0.54 6.88 20.24
N LYS A 16 0.65 7.32 18.99
CA LYS A 16 -0.36 8.18 18.36
C LYS A 16 -1.68 7.45 18.03
N VAL A 17 -1.59 6.13 17.80
CA VAL A 17 -2.78 5.30 17.62
C VAL A 17 -3.65 5.35 18.91
N GLY A 18 -2.99 5.44 20.06
CA GLY A 18 -3.67 5.60 21.34
C GLY A 18 -4.63 4.48 21.64
N GLY A 19 -5.87 4.83 21.99
CA GLY A 19 -6.90 3.85 22.31
C GLY A 19 -7.73 3.35 21.13
N ASN A 20 -7.27 3.63 19.91
CA ASN A 20 -8.04 3.36 18.68
C ASN A 20 -7.64 2.12 17.87
N VAL A 21 -6.76 1.29 18.43
CA VAL A 21 -6.23 0.11 17.73
C VAL A 21 -7.32 -0.83 17.18
N GLY A 22 -8.38 -1.05 17.95
CA GLY A 22 -9.48 -1.93 17.51
C GLY A 22 -10.30 -1.41 16.33
N GLU A 23 -10.55 -0.11 16.30
CA GLU A 23 -11.27 0.54 15.20
C GLU A 23 -10.48 0.45 13.88
N TYR A 24 -9.18 0.73 13.95
CA TYR A 24 -8.30 0.67 12.77
C TYR A 24 -8.17 -0.75 12.21
N GLY A 25 -8.15 -1.74 13.11
CA GLY A 25 -8.13 -3.15 12.71
C GLY A 25 -9.34 -3.53 11.88
N ALA A 26 -10.54 -3.14 12.35
CA ALA A 26 -11.79 -3.42 11.62
C ALA A 26 -11.89 -2.73 10.24
N GLU A 27 -11.44 -1.47 10.18
CA GLU A 27 -11.48 -0.71 8.91
C GLU A 27 -10.55 -1.32 7.86
N ALA A 28 -9.36 -1.73 8.30
CA ALA A 28 -8.40 -2.37 7.40
C ALA A 28 -8.97 -3.66 6.76
N LEU A 29 -9.63 -4.48 7.59
CA LEU A 29 -10.34 -5.66 7.07
C LEU A 29 -11.43 -5.32 6.03
N GLU A 30 -12.27 -4.31 6.31
CA GLU A 30 -13.35 -3.92 5.37
C GLU A 30 -12.81 -3.47 4.00
N ARG A 31 -11.74 -2.69 4.02
CA ARG A 31 -11.07 -2.24 2.79
C ARG A 31 -10.55 -3.42 1.96
N MET A 32 -9.99 -4.43 2.66
CA MET A 32 -9.45 -5.63 2.02
C MET A 32 -10.55 -6.45 1.31
N PHE A 33 -11.65 -6.70 2.02
CA PHE A 33 -12.76 -7.48 1.45
C PHE A 33 -13.41 -6.83 0.18
N LEU A 34 -13.51 -5.49 0.15
CA LEU A 34 -14.15 -4.82 -0.98
C LEU A 34 -13.25 -4.65 -2.22
N SER A 35 -11.99 -4.25 -1.99
CA SER A 35 -11.01 -4.03 -3.07
C SER A 35 -10.51 -5.32 -3.72
N PHE A 36 -10.41 -6.38 -2.89
CA PHE A 36 -9.82 -7.65 -3.29
C PHE A 36 -10.76 -8.81 -2.92
N PRO A 37 -11.87 -8.99 -3.69
CA PRO A 37 -12.96 -9.92 -3.35
C PRO A 37 -12.54 -11.38 -3.10
N THR A 38 -11.40 -11.80 -3.66
CA THR A 38 -10.94 -13.18 -3.45
C THR A 38 -10.56 -13.48 -1.98
N THR A 39 -10.21 -12.45 -1.21
CA THR A 39 -9.84 -12.63 0.21
C THR A 39 -11.02 -13.07 1.09
N LYS A 40 -12.24 -12.82 0.60
CA LYS A 40 -13.47 -13.21 1.30
C LYS A 40 -13.59 -14.73 1.48
N THR A 41 -12.90 -15.48 0.62
CA THR A 41 -12.99 -16.95 0.63
C THR A 41 -12.34 -17.63 1.86
N TYR A 42 -11.53 -16.88 2.63
CA TYR A 42 -10.98 -17.37 3.91
C TYR A 42 -11.94 -17.23 5.10
N PHE A 43 -13.03 -16.48 4.88
CA PHE A 43 -14.04 -16.20 5.92
C PHE A 43 -15.46 -16.58 5.46
N PRO A 44 -15.68 -17.83 4.99
CA PRO A 44 -17.02 -18.17 4.48
C PRO A 44 -18.09 -18.21 5.59
N HIS A 45 -17.62 -18.31 6.84
CA HIS A 45 -18.46 -18.42 8.04
C HIS A 45 -18.83 -17.07 8.69
N PHE A 46 -18.36 -15.98 8.08
CA PHE A 46 -18.60 -14.61 8.58
C PHE A 46 -19.75 -13.92 7.83
N ASP A 47 -20.47 -13.03 8.52
CA ASP A 47 -21.28 -12.01 7.85
C ASP A 47 -20.33 -10.86 7.55
N LEU A 48 -20.16 -10.56 6.27
CA LEU A 48 -19.15 -9.59 5.82
C LEU A 48 -19.73 -8.23 5.38
N ALA A 49 -20.96 -7.94 5.81
CA ALA A 49 -21.58 -6.63 5.59
C ALA A 49 -20.89 -5.54 6.40
N HIS A 50 -20.91 -4.30 5.89
CA HIS A 50 -20.37 -3.15 6.61
C HIS A 50 -21.00 -3.03 8.00
N GLY A 51 -20.14 -2.84 9.01
CA GLY A 51 -20.58 -2.66 10.38
C GLY A 51 -21.08 -3.92 11.08
N SER A 52 -20.69 -5.09 10.58
CA SER A 52 -21.09 -6.35 11.21
C SER A 52 -20.38 -6.55 12.55
N SER A 53 -21.03 -7.27 13.46
CA SER A 53 -20.48 -7.53 14.79
C SER A 53 -19.25 -8.45 14.73
N GLN A 54 -19.26 -9.41 13.80
CA GLN A 54 -18.16 -10.36 13.63
C GLN A 54 -16.85 -9.69 13.17
N VAL A 55 -16.97 -8.72 12.28
CA VAL A 55 -15.81 -7.96 11.80
C VAL A 55 -15.27 -7.01 12.89
N LYS A 56 -16.17 -6.41 13.66
CA LYS A 56 -15.76 -5.60 14.81
C LYS A 56 -14.94 -6.41 15.84
N ALA A 57 -15.43 -7.60 16.19
CA ALA A 57 -14.77 -8.45 17.18
C ALA A 57 -13.39 -8.91 16.70
N HIS A 58 -13.33 -9.33 15.44
CA HIS A 58 -12.08 -9.82 14.85
C HIS A 58 -11.04 -8.69 14.69
N GLY A 59 -11.49 -7.50 14.29
CA GLY A 59 -10.63 -6.31 14.23
C GLY A 59 -9.91 -6.00 15.55
N LYS A 60 -10.60 -6.25 16.65
CA LYS A 60 -10.03 -6.04 17.99
C LYS A 60 -8.94 -7.06 18.32
N LYS A 61 -9.14 -8.30 17.89
CA LYS A 61 -8.14 -9.35 18.09
C LYS A 61 -6.86 -9.08 17.31
N VAL A 62 -7.01 -8.75 16.02
CA VAL A 62 -5.88 -8.43 15.13
C VAL A 62 -5.08 -7.23 15.68
N GLY A 63 -5.79 -6.16 16.06
CA GLY A 63 -5.17 -4.99 16.69
C GLY A 63 -4.40 -5.28 17.96
N ASP A 64 -5.01 -6.01 18.90
CA ASP A 64 -4.36 -6.34 20.17
C ASP A 64 -3.07 -7.18 19.99
N ALA A 65 -3.08 -8.06 18.97
CA ALA A 65 -1.90 -8.87 18.63
C ALA A 65 -0.74 -8.01 18.16
N LEU A 66 -1.05 -6.98 17.36
CA LEU A 66 -0.02 -6.03 16.91
C LEU A 66 0.56 -5.19 18.07
N THR A 67 -0.28 -4.81 19.05
CA THR A 67 0.22 -4.12 20.26
C THR A 67 1.23 -4.97 21.08
N ASN A 68 0.95 -6.26 21.22
CA ASN A 68 1.89 -7.16 21.88
C ASN A 68 3.23 -7.28 21.13
N ALA A 69 3.18 -7.32 19.80
CA ALA A 69 4.38 -7.34 18.95
C ALA A 69 5.28 -6.12 19.16
N VAL A 70 4.67 -4.94 19.21
CA VAL A 70 5.38 -3.69 19.51
C VAL A 70 6.09 -3.75 20.89
N GLY A 71 5.40 -4.28 21.89
CA GLY A 71 5.94 -4.37 23.25
C GLY A 71 7.07 -5.39 23.40
N HIS A 72 7.22 -6.27 22.42
CA HIS A 72 8.22 -7.34 22.42
C HIS A 72 9.03 -7.33 21.11
N ILE A 73 9.29 -6.11 20.61
CA ILE A 73 9.85 -5.91 19.28
C ILE A 73 11.30 -6.44 19.11
N ASP A 74 11.97 -6.69 20.23
CA ASP A 74 13.34 -7.27 20.26
C ASP A 74 13.38 -8.77 19.90
N ASP A 75 12.26 -9.47 20.09
CA ASP A 75 12.17 -10.92 19.83
C ASP A 75 10.78 -11.31 19.30
N LEU A 76 10.55 -11.06 18.01
CA LEU A 76 9.23 -11.35 17.40
C LEU A 76 8.88 -12.85 17.29
N PRO A 77 9.86 -13.70 16.89
CA PRO A 77 9.57 -15.14 16.91
C PRO A 77 9.15 -15.69 18.29
N GLY A 78 9.77 -15.19 19.36
CA GLY A 78 9.42 -15.57 20.72
C GLY A 78 8.03 -15.11 21.14
N ALA A 79 7.70 -13.85 20.82
CA ALA A 79 6.40 -13.28 21.16
C ALA A 79 5.21 -13.86 20.38
N LEU A 80 5.44 -14.22 19.11
CA LEU A 80 4.34 -14.60 18.19
C LEU A 80 4.23 -16.12 17.89
N SER A 81 4.92 -16.95 18.67
CA SER A 81 4.99 -18.39 18.42
C SER A 81 3.61 -19.08 18.25
N ALA A 82 2.66 -18.76 19.13
CA ALA A 82 1.31 -19.33 19.01
C ALA A 82 0.52 -18.89 17.77
N LEU A 83 0.62 -17.61 17.40
CA LEU A 83 -0.11 -17.07 16.23
C LEU A 83 0.45 -17.60 14.90
N SER A 84 1.76 -17.87 14.87
CA SER A 84 2.41 -18.53 13.74
C SER A 84 1.87 -19.96 13.59
N ASP A 85 1.77 -20.68 14.72
CA ASP A 85 1.23 -22.03 14.67
C ASP A 85 -0.11 -22.02 13.92
N LEU A 86 -1.01 -21.09 14.27
CA LEU A 86 -2.33 -20.97 13.65
C LEU A 86 -2.32 -20.63 12.15
N HIS A 87 -1.59 -19.56 11.76
CA HIS A 87 -1.66 -19.10 10.36
C HIS A 87 -0.90 -19.97 9.34
N ALA A 88 0.15 -20.64 9.82
CA ALA A 88 1.00 -21.49 9.00
C ALA A 88 0.56 -22.96 8.92
N TYR A 89 0.22 -23.55 10.07
CA TYR A 89 -0.13 -24.98 10.12
C TYR A 89 -1.63 -25.23 9.84
N LYS A 90 -2.51 -24.42 10.43
CA LYS A 90 -3.96 -24.66 10.34
C LYS A 90 -4.64 -23.95 9.14
N LEU A 91 -4.49 -22.63 9.06
CA LEU A 91 -5.18 -21.82 8.05
C LEU A 91 -4.53 -21.82 6.65
N ARG A 92 -3.21 -22.02 6.60
CA ARG A 92 -2.47 -22.14 5.32
C ARG A 92 -2.70 -20.93 4.38
N VAL A 93 -2.59 -19.72 4.93
CA VAL A 93 -2.85 -18.49 4.16
C VAL A 93 -1.72 -18.17 3.17
N ASP A 94 -2.08 -17.93 1.89
CA ASP A 94 -1.13 -17.54 0.82
C ASP A 94 -0.49 -16.19 1.21
N PRO A 95 0.85 -16.08 1.20
CA PRO A 95 1.54 -14.82 1.51
C PRO A 95 1.03 -13.57 0.75
N VAL A 96 0.46 -13.72 -0.45
CA VAL A 96 -0.06 -12.56 -1.22
C VAL A 96 -1.12 -11.81 -0.41
N ASN A 97 -1.93 -12.57 0.35
CA ASN A 97 -2.97 -11.99 1.20
C ASN A 97 -2.43 -11.14 2.37
N PHE A 98 -1.27 -11.51 2.91
CA PHE A 98 -0.62 -10.68 3.95
C PHE A 98 -0.17 -9.33 3.37
N LYS A 99 0.27 -9.32 2.10
CA LYS A 99 0.60 -8.07 1.41
C LYS A 99 -0.63 -7.18 1.24
N LEU A 100 -1.78 -7.80 0.92
CA LEU A 100 -3.02 -7.03 0.74
C LEU A 100 -3.52 -6.40 2.06
N LEU A 101 -3.50 -7.17 3.15
CA LEU A 101 -3.91 -6.64 4.47
C LEU A 101 -2.95 -5.57 4.98
N SER A 102 -1.65 -5.81 4.84
CA SER A 102 -0.65 -4.82 5.27
C SER A 102 -0.85 -3.48 4.54
N HIS A 103 -1.03 -3.53 3.21
CA HIS A 103 -1.34 -2.34 2.38
C HIS A 103 -2.59 -1.62 2.90
N CYS A 104 -3.66 -2.37 3.14
CA CYS A 104 -4.91 -1.79 3.69
C CYS A 104 -4.74 -1.16 5.10
N LEU A 105 -3.83 -1.71 5.92
CA LEU A 105 -3.49 -1.12 7.24
C LEU A 105 -2.76 0.22 7.06
N LEU A 106 -1.80 0.25 6.12
CA LEU A 106 -1.13 1.51 5.77
C LEU A 106 -2.10 2.58 5.25
N VAL A 107 -3.05 2.18 4.38
CA VAL A 107 -4.06 3.12 3.83
C VAL A 107 -4.91 3.71 4.97
N THR A 108 -5.29 2.85 5.92
CA THR A 108 -6.05 3.25 7.10
C THR A 108 -5.30 4.27 8.00
N LEU A 109 -4.04 3.97 8.30
CA LEU A 109 -3.20 4.86 9.13
C LEU A 109 -2.96 6.21 8.43
N ALA A 110 -2.72 6.16 7.11
CA ALA A 110 -2.57 7.37 6.29
C ALA A 110 -3.83 8.25 6.31
N SER A 111 -5.00 7.61 6.23
CA SER A 111 -6.30 8.29 6.26
C SER A 111 -6.54 9.07 7.56
N HIS A 112 -6.22 8.44 8.70
CA HIS A 112 -6.53 8.97 10.05
C HIS A 112 -5.43 9.83 10.69
N LEU A 113 -4.17 9.60 10.30
CA LEU A 113 -3.02 10.26 10.94
C LEU A 113 -2.06 10.94 9.93
N PRO A 114 -2.59 11.90 9.13
CA PRO A 114 -1.80 12.45 8.00
C PRO A 114 -0.51 13.17 8.42
N SER A 115 -0.49 13.74 9.63
CA SER A 115 0.69 14.46 10.14
C SER A 115 1.76 13.58 10.79
N ASP A 116 1.37 12.39 11.24
CA ASP A 116 2.32 11.43 11.83
C ASP A 116 2.91 10.43 10.81
N PHE A 117 2.21 10.22 9.68
CA PHE A 117 2.56 9.21 8.65
C PHE A 117 3.57 9.76 7.65
N THR A 118 4.74 10.13 8.16
CA THR A 118 5.84 10.67 7.35
C THR A 118 6.44 9.59 6.43
N PRO A 119 7.16 9.99 5.35
CA PRO A 119 7.83 8.94 4.58
C PRO A 119 8.73 7.99 5.41
N ALA A 120 9.54 8.53 6.33
CA ALA A 120 10.43 7.69 7.19
C ALA A 120 9.67 6.71 8.10
N VAL A 121 8.54 7.16 8.65
CA VAL A 121 7.70 6.31 9.52
C VAL A 121 6.95 5.23 8.69
N HIS A 122 6.40 5.62 7.53
CA HIS A 122 5.82 4.73 6.46
C HIS A 122 6.82 3.59 6.14
N ALA A 123 8.09 3.94 5.94
CA ALA A 123 9.13 2.94 5.67
C ALA A 123 9.34 1.94 6.81
N SER A 124 9.41 2.43 8.05
CA SER A 124 9.63 1.55 9.24
C SER A 124 8.42 0.64 9.51
N LEU A 125 7.22 1.20 9.33
CA LEU A 125 5.95 0.43 9.47
C LEU A 125 5.81 -0.67 8.40
N ASP A 126 6.15 -0.37 7.14
CA ASP A 126 6.12 -1.39 6.08
C ASP A 126 7.07 -2.56 6.42
N LYS A 127 8.29 -2.25 6.88
CA LYS A 127 9.24 -3.27 7.39
C LYS A 127 8.69 -4.12 8.55
N PHE A 128 8.16 -3.46 9.60
CA PHE A 128 7.57 -4.14 10.77
C PHE A 128 6.47 -5.13 10.35
N LEU A 129 5.56 -4.67 9.48
CA LEU A 129 4.47 -5.54 8.98
C LEU A 129 4.99 -6.69 8.11
N ALA A 130 6.02 -6.43 7.29
CA ALA A 130 6.67 -7.50 6.52
C ALA A 130 7.31 -8.57 7.42
N SER A 131 8.00 -8.13 8.50
CA SER A 131 8.60 -9.07 9.49
C SER A 131 7.55 -9.92 10.22
N VAL A 132 6.46 -9.29 10.67
CA VAL A 132 5.33 -9.99 11.29
C VAL A 132 4.74 -11.02 10.32
N SER A 133 4.57 -10.61 9.06
CA SER A 133 4.02 -11.46 7.98
C SER A 133 4.87 -12.71 7.74
N THR A 134 6.19 -12.53 7.76
CA THR A 134 7.13 -13.65 7.58
C THR A 134 7.04 -14.64 8.76
N VAL A 135 6.98 -14.12 9.98
CA VAL A 135 6.82 -14.98 11.18
C VAL A 135 5.53 -15.82 11.07
N LEU A 136 4.43 -15.17 10.67
CA LEU A 136 3.12 -15.83 10.61
C LEU A 136 2.94 -16.86 9.48
N THR A 137 3.79 -16.79 8.45
CA THR A 137 3.74 -17.74 7.32
C THR A 137 4.89 -18.79 7.36
N SER A 138 5.68 -18.75 8.44
CA SER A 138 6.79 -19.70 8.70
C SER A 138 6.39 -20.83 9.67
N LYS A 139 6.86 -22.05 9.41
CA LYS A 139 6.68 -23.19 10.32
C LYS A 139 7.94 -23.43 11.17
N TYR A 140 7.84 -23.24 12.49
CA TYR A 140 9.01 -23.40 13.41
C TYR A 140 8.74 -24.05 14.79
N ARG A 141 7.86 -25.05 14.83
CA ARG A 141 7.67 -25.88 16.04
C ARG A 141 8.98 -26.53 16.50
N VAL B 1 -9.79 -5.07 -17.22
CA VAL B 1 -11.17 -5.38 -16.77
C VAL B 1 -12.09 -4.16 -16.92
N HIS B 2 -13.39 -4.40 -16.97
CA HIS B 2 -14.36 -3.32 -17.11
C HIS B 2 -14.68 -2.69 -15.76
N LEU B 3 -14.64 -1.35 -15.72
CA LEU B 3 -15.20 -0.61 -14.61
C LEU B 3 -16.70 -0.44 -14.83
N SER B 4 -17.48 -0.56 -13.75
CA SER B 4 -18.91 -0.29 -13.80
C SER B 4 -19.16 1.20 -13.95
N GLY B 5 -20.39 1.58 -14.31
CA GLY B 5 -20.79 2.99 -14.38
C GLY B 5 -20.52 3.77 -13.10
N GLU B 6 -20.78 3.13 -11.96
CA GLU B 6 -20.53 3.75 -10.65
C GLU B 6 -19.05 3.91 -10.33
N GLU B 7 -18.26 2.89 -10.63
CA GLU B 7 -16.82 2.96 -10.43
C GLU B 7 -16.21 4.09 -11.27
N LYS B 8 -16.68 4.23 -12.52
CA LYS B 8 -16.17 5.29 -13.41
C LYS B 8 -16.48 6.69 -12.87
N ALA B 9 -17.70 6.87 -12.37
CA ALA B 9 -18.13 8.12 -11.74
C ALA B 9 -17.27 8.53 -10.52
N ALA B 10 -16.91 7.57 -9.68
CA ALA B 10 -16.11 7.84 -8.47
C ALA B 10 -14.67 8.27 -8.82
N VAL B 11 -14.11 7.60 -9.82
CA VAL B 11 -12.76 7.92 -10.32
C VAL B 11 -12.71 9.35 -10.89
N THR B 12 -13.68 9.68 -11.76
CA THR B 12 -13.77 11.00 -12.38
C THR B 12 -13.96 12.13 -11.35
N GLY B 13 -14.81 11.90 -10.36
CA GLY B 13 -15.08 12.87 -9.29
C GLY B 13 -13.88 13.26 -8.44
N LEU B 14 -13.13 12.26 -7.97
CA LEU B 14 -11.95 12.53 -7.13
C LEU B 14 -10.80 13.14 -7.93
N TRP B 15 -10.60 12.68 -9.17
CA TRP B 15 -9.46 13.13 -9.99
C TRP B 15 -9.50 14.60 -10.36
N GLY B 16 -10.70 15.14 -10.52
CA GLY B 16 -10.88 16.58 -10.79
C GLY B 16 -10.47 17.48 -9.63
N LYS B 17 -10.30 16.91 -8.44
CA LYS B 17 -9.87 17.64 -7.23
C LYS B 17 -8.39 17.47 -6.86
N VAL B 18 -7.67 16.64 -7.61
CA VAL B 18 -6.23 16.35 -7.32
C VAL B 18 -5.32 17.56 -7.55
N LYS B 19 -4.37 17.76 -6.64
CA LYS B 19 -3.30 18.76 -6.81
C LYS B 19 -2.26 18.22 -7.81
N VAL B 20 -2.42 18.63 -9.08
CA VAL B 20 -1.61 18.13 -10.21
C VAL B 20 -0.09 18.33 -10.04
N ASP B 21 0.29 19.44 -9.40
CA ASP B 21 1.73 19.76 -9.19
C ASP B 21 2.34 19.09 -7.94
N GLU B 22 1.52 18.37 -7.16
CA GLU B 22 1.92 17.84 -5.83
C GLU B 22 1.87 16.31 -5.66
N VAL B 23 0.78 15.70 -6.11
CA VAL B 23 0.53 14.27 -5.83
C VAL B 23 1.54 13.32 -6.49
N GLY B 24 1.92 13.62 -7.73
CA GLY B 24 2.89 12.79 -8.47
C GLY B 24 4.28 12.78 -7.84
N GLY B 25 4.75 13.95 -7.42
CA GLY B 25 6.05 14.08 -6.72
C GLY B 25 6.11 13.34 -5.37
N GLU B 26 5.02 13.39 -4.61
CA GLU B 26 4.98 12.69 -3.30
C GLU B 26 5.00 11.16 -3.49
N ALA B 27 4.25 10.70 -4.49
CA ALA B 27 4.22 9.27 -4.84
C ALA B 27 5.61 8.74 -5.26
N LEU B 28 6.28 9.44 -6.18
CA LEU B 28 7.62 8.99 -6.61
C LEU B 28 8.62 9.04 -5.42
N GLY B 29 8.54 10.08 -4.59
CA GLY B 29 9.43 10.18 -3.41
C GLY B 29 9.27 9.03 -2.41
N ARG B 30 8.02 8.73 -2.07
CA ARG B 30 7.75 7.63 -1.13
C ARG B 30 8.22 6.27 -1.71
N LEU B 31 8.10 6.08 -3.03
CA LEU B 31 8.64 4.86 -3.69
C LEU B 31 10.13 4.70 -3.35
N LEU B 32 10.88 5.81 -3.48
CA LEU B 32 12.33 5.78 -3.23
C LEU B 32 12.75 5.62 -1.75
N VAL B 33 11.89 6.02 -0.80
CA VAL B 33 12.20 5.88 0.64
C VAL B 33 11.77 4.52 1.19
N VAL B 34 10.57 4.10 0.82
CA VAL B 34 10.00 2.84 1.31
C VAL B 34 10.68 1.60 0.70
N TYR B 35 11.02 1.71 -0.59
CA TYR B 35 11.63 0.61 -1.35
C TYR B 35 13.00 1.09 -1.89
N PRO B 36 14.02 1.18 -1.00
CA PRO B 36 15.23 1.97 -1.26
C PRO B 36 16.08 1.56 -2.46
N TRP B 37 15.96 0.32 -2.94
CA TRP B 37 16.69 -0.10 -4.15
C TRP B 37 16.27 0.66 -5.43
N THR B 38 15.05 1.20 -5.44
CA THR B 38 14.56 1.97 -6.61
C THR B 38 15.36 3.25 -6.88
N GLN B 39 16.08 3.72 -5.85
CA GLN B 39 17.03 4.84 -5.98
C GLN B 39 18.04 4.64 -7.12
N ARG B 40 18.44 3.39 -7.39
CA ARG B 40 19.47 3.11 -8.41
C ARG B 40 19.10 3.56 -9.84
N PHE B 41 17.81 3.54 -10.17
CA PHE B 41 17.32 3.96 -11.51
C PHE B 41 17.41 5.48 -11.74
N PHE B 42 17.55 6.24 -10.66
CA PHE B 42 17.50 7.70 -10.70
C PHE B 42 18.79 8.38 -10.22
N ASP B 43 19.91 7.70 -10.43
CA ASP B 43 21.22 8.14 -9.98
C ASP B 43 21.61 9.54 -10.48
N SER B 44 21.14 9.90 -11.66
CA SER B 44 21.44 11.20 -12.26
C SER B 44 20.66 12.38 -11.64
N PHE B 45 19.73 12.06 -10.74
CA PHE B 45 18.89 13.06 -10.07
C PHE B 45 19.57 13.74 -8.86
N GLY B 46 20.63 13.12 -8.32
CA GLY B 46 21.39 13.72 -7.20
C GLY B 46 21.42 12.92 -5.90
N ASP B 47 21.42 13.63 -4.77
CA ASP B 47 21.53 13.04 -3.44
C ASP B 47 20.22 12.38 -2.98
N LEU B 48 20.25 11.06 -2.78
CA LEU B 48 19.09 10.29 -2.36
C LEU B 48 19.40 9.42 -1.10
N SER B 49 20.38 9.84 -0.30
CA SER B 49 20.95 8.99 0.78
C SER B 49 20.17 8.89 2.10
N SER B 50 19.20 9.77 2.31
CA SER B 50 18.33 9.72 3.49
C SER B 50 16.92 10.15 3.12
N ALA B 51 15.96 9.84 3.99
CA ALA B 51 14.57 10.24 3.77
C ALA B 51 14.43 11.73 3.48
N SER B 52 15.10 12.56 4.29
CA SER B 52 15.05 14.01 4.11
C SER B 52 15.61 14.44 2.74
N ALA B 53 16.72 13.84 2.32
CA ALA B 53 17.32 14.15 1.01
C ALA B 53 16.38 13.83 -0.17
N VAL B 54 15.78 12.64 -0.16
CA VAL B 54 14.86 12.24 -1.24
C VAL B 54 13.65 13.18 -1.35
N MET B 55 13.07 13.51 -0.21
CA MET B 55 11.83 14.29 -0.20
C MET B 55 12.04 15.77 -0.50
N GLY B 56 13.30 16.21 -0.49
CA GLY B 56 13.66 17.59 -0.82
C GLY B 56 14.25 17.82 -2.22
N ASN B 57 14.39 16.73 -2.99
CA ASN B 57 15.04 16.77 -4.31
C ASN B 57 14.12 17.27 -5.44
N PRO B 58 14.51 18.37 -6.12
CA PRO B 58 13.68 19.00 -7.16
C PRO B 58 13.45 18.15 -8.42
N LYS B 59 14.42 17.33 -8.82
CA LYS B 59 14.28 16.48 -10.01
C LYS B 59 13.28 15.34 -9.79
N VAL B 60 13.23 14.84 -8.55
CA VAL B 60 12.25 13.81 -8.17
C VAL B 60 10.82 14.38 -8.29
N LYS B 61 10.61 15.59 -7.78
CA LYS B 61 9.29 16.25 -7.86
C LYS B 61 8.81 16.48 -9.31
N ALA B 62 9.70 16.99 -10.17
CA ALA B 62 9.36 17.28 -11.58
C ALA B 62 8.99 16.03 -12.40
N HIS B 63 9.76 14.95 -12.22
CA HIS B 63 9.47 13.71 -12.93
C HIS B 63 8.15 13.08 -12.46
N GLY B 64 7.88 13.17 -11.15
CA GLY B 64 6.61 12.72 -10.59
C GLY B 64 5.39 13.31 -11.30
N LYS B 65 5.48 14.59 -11.69
CA LYS B 65 4.40 15.25 -12.47
C LYS B 65 4.18 14.59 -13.85
N LYS B 66 5.25 14.24 -14.54
CA LYS B 66 5.14 13.58 -15.84
C LYS B 66 4.45 12.21 -15.74
N VAL B 67 4.79 11.49 -14.69
CA VAL B 67 4.13 10.20 -14.37
C VAL B 67 2.62 10.38 -14.16
N LEU B 68 2.22 11.39 -13.38
CA LEU B 68 0.81 11.69 -13.15
C LEU B 68 0.05 12.00 -14.46
N ASP B 69 0.65 12.80 -15.35
CA ASP B 69 0.04 13.12 -16.66
C ASP B 69 -0.26 11.86 -17.50
N SER B 70 0.63 10.87 -17.42
CA SER B 70 0.48 9.59 -18.12
C SER B 70 -0.72 8.81 -17.57
N PHE B 71 -0.85 8.74 -16.24
CA PHE B 71 -2.07 8.19 -15.59
C PHE B 71 -3.34 8.91 -16.09
N SER B 72 -3.28 10.24 -16.22
CA SER B 72 -4.42 11.04 -16.69
C SER B 72 -4.89 10.68 -18.11
N GLU B 73 -3.94 10.42 -19.02
CA GLU B 73 -4.26 9.95 -20.40
C GLU B 73 -4.91 8.57 -20.37
N GLY B 74 -4.36 7.68 -19.52
CA GLY B 74 -4.94 6.34 -19.33
C GLY B 74 -6.40 6.37 -18.92
N LEU B 75 -6.76 7.33 -18.06
CA LEU B 75 -8.14 7.48 -17.60
C LEU B 75 -9.14 7.82 -18.73
N GLN B 76 -8.64 8.32 -19.86
CA GLN B 76 -9.53 8.66 -21.00
C GLN B 76 -9.65 7.55 -22.06
N HIS B 77 -8.89 6.48 -21.87
CA HIS B 77 -8.88 5.34 -22.82
C HIS B 77 -8.89 3.98 -22.10
N LEU B 78 -9.79 3.83 -21.13
CA LEU B 78 -9.83 2.64 -20.26
C LEU B 78 -10.13 1.31 -20.96
N ASP B 79 -10.71 1.36 -22.17
CA ASP B 79 -11.00 0.14 -22.95
C ASP B 79 -9.97 -0.11 -24.08
N ASN B 80 -8.90 0.68 -24.07
CA ASN B 80 -7.77 0.49 -25.00
C ASN B 80 -6.43 0.90 -24.36
N LEU B 81 -6.15 0.34 -23.17
CA LEU B 81 -4.94 0.69 -22.43
C LEU B 81 -3.66 0.15 -23.08
N LYS B 82 -3.77 -1.00 -23.73
CA LYS B 82 -2.62 -1.61 -24.40
C LYS B 82 -2.10 -0.75 -25.56
N GLY B 83 -3.01 -0.24 -26.39
CA GLY B 83 -2.62 0.63 -27.50
C GLY B 83 -2.08 1.97 -27.01
N THR B 84 -2.72 2.51 -25.97
CA THR B 84 -2.31 3.77 -25.36
C THR B 84 -0.87 3.74 -24.81
N PHE B 85 -0.52 2.66 -24.09
CA PHE B 85 0.79 2.53 -23.41
C PHE B 85 1.86 1.72 -24.17
N ALA B 86 1.58 1.37 -25.43
CA ALA B 86 2.49 0.53 -26.24
C ALA B 86 3.92 1.09 -26.36
N LYS B 87 4.04 2.37 -26.72
CA LYS B 87 5.34 3.00 -26.77
C LYS B 87 6.11 3.06 -25.43
N LEU B 88 5.44 3.45 -24.35
CA LEU B 88 6.06 3.52 -23.01
C LEU B 88 6.48 2.15 -22.44
N SER B 89 5.74 1.10 -22.81
CA SER B 89 6.06 -0.27 -22.40
C SER B 89 7.39 -0.70 -23.01
N GLU B 90 7.54 -0.47 -24.32
CA GLU B 90 8.80 -0.72 -25.03
C GLU B 90 9.99 0.00 -24.37
N LEU B 91 9.81 1.27 -24.02
CA LEU B 91 10.87 2.04 -23.35
C LEU B 91 11.31 1.45 -22.00
N HIS B 92 10.36 1.18 -21.10
CA HIS B 92 10.69 0.67 -19.76
C HIS B 92 11.35 -0.72 -19.79
N CYS B 93 10.99 -1.54 -20.78
CA CYS B 93 11.61 -2.85 -20.99
C CYS B 93 12.99 -2.79 -21.67
N ASP B 94 13.00 -2.31 -22.91
CA ASP B 94 14.18 -2.37 -23.78
C ASP B 94 15.32 -1.43 -23.37
N LYS B 95 14.96 -0.28 -22.81
CA LYS B 95 15.96 0.78 -22.52
C LYS B 95 16.29 0.97 -21.03
N LEU B 96 15.27 0.87 -20.17
CA LEU B 96 15.44 1.20 -18.74
C LEU B 96 15.63 -0.02 -17.82
N HIS B 97 15.25 -1.20 -18.30
CA HIS B 97 15.43 -2.46 -17.56
C HIS B 97 14.76 -2.47 -16.18
N VAL B 98 13.53 -1.98 -16.11
CA VAL B 98 12.75 -1.96 -14.86
C VAL B 98 11.94 -3.26 -14.71
N ASP B 99 12.19 -4.02 -13.64
CA ASP B 99 11.41 -5.23 -13.38
C ASP B 99 9.96 -4.87 -13.11
N PRO B 100 9.01 -5.57 -13.78
CA PRO B 100 7.58 -5.23 -13.69
C PRO B 100 6.94 -5.22 -12.28
N GLU B 101 7.55 -5.93 -11.32
CA GLU B 101 7.05 -5.91 -9.93
C GLU B 101 7.02 -4.48 -9.37
N ASN B 102 7.95 -3.66 -9.83
CA ASN B 102 8.00 -2.26 -9.38
C ASN B 102 6.82 -1.40 -9.85
N PHE B 103 6.16 -1.79 -10.96
CA PHE B 103 4.96 -1.08 -11.47
C PHE B 103 3.80 -1.21 -10.48
N ARG B 104 3.68 -2.38 -9.86
CA ARG B 104 2.68 -2.65 -8.84
C ARG B 104 2.94 -1.83 -7.55
N LEU B 105 4.20 -1.76 -7.14
CA LEU B 105 4.56 -1.01 -5.94
C LEU B 105 4.23 0.48 -6.10
N LEU B 106 4.55 1.05 -7.27
CA LEU B 106 4.24 2.47 -7.53
C LEU B 106 2.74 2.76 -7.49
N GLY B 107 1.95 1.85 -8.08
CA GLY B 107 0.49 1.97 -8.02
C GLY B 107 -0.05 2.03 -6.60
N ASN B 108 0.49 1.20 -5.71
CA ASN B 108 0.02 1.14 -4.32
C ASN B 108 0.47 2.34 -3.46
N VAL B 109 1.69 2.82 -3.70
CA VAL B 109 2.15 4.07 -3.09
C VAL B 109 1.25 5.25 -3.50
N LEU B 110 0.87 5.33 -4.79
CA LEU B 110 -0.07 6.36 -5.27
C LEU B 110 -1.39 6.30 -4.49
N VAL B 111 -1.90 5.09 -4.29
CA VAL B 111 -3.10 4.90 -3.47
C VAL B 111 -2.91 5.41 -2.02
N CYS B 112 -1.77 5.10 -1.38
CA CYS B 112 -1.46 5.63 -0.03
C CYS B 112 -1.46 7.18 0.02
N VAL B 113 -0.91 7.80 -1.03
CA VAL B 113 -0.88 9.27 -1.16
C VAL B 113 -2.29 9.86 -1.33
N LEU B 114 -3.13 9.24 -2.15
CA LEU B 114 -4.53 9.69 -2.31
C LEU B 114 -5.25 9.60 -0.95
N ALA B 115 -5.02 8.52 -0.20
CA ALA B 115 -5.56 8.38 1.17
C ALA B 115 -5.12 9.51 2.12
N ARG B 116 -3.84 9.86 2.10
CA ARG B 116 -3.29 10.88 2.99
C ARG B 116 -3.89 12.27 2.69
N HIS B 117 -4.12 12.55 1.39
CA HIS B 117 -4.65 13.84 0.92
C HIS B 117 -6.15 14.00 1.13
N PHE B 118 -6.91 12.91 1.02
CA PHE B 118 -8.37 12.99 1.00
C PHE B 118 -9.07 12.52 2.29
N GLY B 119 -8.35 11.80 3.14
CA GLY B 119 -8.86 11.41 4.47
C GLY B 119 -10.13 10.58 4.41
N LYS B 120 -11.15 11.02 5.16
CA LYS B 120 -12.47 10.37 5.22
C LYS B 120 -13.18 10.22 3.87
N GLU B 121 -12.83 11.06 2.90
CA GLU B 121 -13.43 11.03 1.55
C GLU B 121 -12.90 9.85 0.71
N PHE B 122 -11.75 9.31 1.10
CA PHE B 122 -11.17 8.16 0.41
C PHE B 122 -11.76 6.90 1.03
N THR B 123 -13.05 6.68 0.77
CA THR B 123 -13.81 5.57 1.33
C THR B 123 -13.35 4.22 0.77
N PRO B 124 -13.74 3.10 1.42
CA PRO B 124 -13.49 1.79 0.84
C PRO B 124 -13.99 1.64 -0.61
N GLN B 125 -15.10 2.29 -0.95
CA GLN B 125 -15.69 2.23 -2.30
C GLN B 125 -14.84 2.98 -3.35
N VAL B 126 -14.36 4.16 -2.98
CA VAL B 126 -13.47 4.94 -3.84
C VAL B 126 -12.14 4.19 -4.03
N GLN B 127 -11.56 3.68 -2.93
CA GLN B 127 -10.33 2.87 -3.02
C GLN B 127 -10.47 1.68 -3.99
N ALA B 128 -11.60 0.97 -3.91
CA ALA B 128 -11.85 -0.21 -4.77
C ALA B 128 -11.79 0.10 -6.28
N ALA B 129 -12.39 1.22 -6.69
CA ALA B 129 -12.36 1.68 -8.08
C ALA B 129 -10.94 2.03 -8.53
N TYR B 130 -10.19 2.72 -7.67
CA TYR B 130 -8.79 3.06 -7.97
C TYR B 130 -7.86 1.84 -8.05
N GLN B 131 -8.14 0.79 -7.26
CA GLN B 131 -7.33 -0.43 -7.38
C GLN B 131 -7.47 -1.07 -8.80
N LYS B 132 -8.67 -1.02 -9.39
CA LYS B 132 -8.88 -1.51 -10.77
C LYS B 132 -8.09 -0.69 -11.82
N VAL B 133 -8.06 0.63 -11.63
CA VAL B 133 -7.29 1.51 -12.52
C VAL B 133 -5.78 1.24 -12.45
N VAL B 134 -5.20 1.23 -11.25
CA VAL B 134 -3.75 1.04 -11.09
C VAL B 134 -3.26 -0.35 -11.52
N ALA B 135 -4.12 -1.36 -11.37
CA ALA B 135 -3.83 -2.70 -11.90
C ALA B 135 -3.82 -2.73 -13.44
N GLY B 136 -4.81 -2.06 -14.07
CA GLY B 136 -4.88 -1.96 -15.53
C GLY B 136 -3.67 -1.28 -16.16
N VAL B 137 -3.23 -0.18 -15.53
CA VAL B 137 -2.03 0.53 -15.99
C VAL B 137 -0.77 -0.34 -15.85
N ALA B 138 -0.60 -1.00 -14.70
CA ALA B 138 0.55 -1.89 -14.47
C ALA B 138 0.65 -3.01 -15.51
N ASN B 139 -0.50 -3.65 -15.81
CA ASN B 139 -0.57 -4.70 -16.83
C ASN B 139 -0.23 -4.19 -18.24
N ALA B 140 -0.72 -3.01 -18.57
CA ALA B 140 -0.45 -2.41 -19.89
C ALA B 140 1.01 -2.06 -20.08
N LEU B 141 1.67 -1.58 -19.01
CA LEU B 141 3.11 -1.26 -19.05
C LEU B 141 3.98 -2.49 -19.13
N ALA B 142 3.46 -3.63 -18.67
CA ALA B 142 4.19 -4.89 -18.68
C ALA B 142 4.02 -5.67 -20.00
N HIS B 143 3.03 -5.31 -20.81
CA HIS B 143 2.60 -6.17 -21.93
C HIS B 143 3.65 -6.41 -23.03
N LYS B 144 4.53 -5.44 -23.27
CA LYS B 144 5.59 -5.61 -24.28
C LYS B 144 6.88 -6.26 -23.74
N TYR B 145 6.83 -6.75 -22.50
CA TYR B 145 7.94 -7.51 -21.91
C TYR B 145 7.86 -8.99 -22.30
N HIS B 146 6.70 -9.41 -22.80
CA HIS B 146 6.40 -10.83 -22.96
C HIS B 146 6.60 -11.37 -24.37
CHA HEM C . -7.41 -15.37 13.13
CHB HEM C . -3.97 -11.96 13.68
CHC HEM C . -3.32 -11.83 8.82
CHD HEM C . -6.94 -15.00 8.21
C1A HEM C . -6.56 -14.46 13.73
C2A HEM C . -6.46 -14.12 15.16
C3A HEM C . -5.52 -13.17 15.30
C4A HEM C . -4.97 -12.88 13.98
CMA HEM C . -5.05 -12.48 16.62
CAA HEM C . -7.32 -14.75 16.29
CBA HEM C . -6.54 -15.78 17.11
CGA HEM C . -7.41 -16.34 18.22
O1A HEM C . -7.27 -15.91 19.39
O2A HEM C . -8.24 -17.23 17.94
C1B HEM C . -3.47 -11.65 12.43
C2B HEM C . -2.38 -10.74 12.16
C3B HEM C . -2.19 -10.69 10.82
C4B HEM C . -3.18 -11.59 10.19
CMB HEM C . -1.60 -9.96 13.24
CAB HEM C . -1.14 -9.87 10.04
CBB HEM C . -0.81 -8.60 10.38
C1C HEM C . -4.27 -12.62 8.18
C2C HEM C . -4.59 -12.72 6.75
C3C HEM C . -5.61 -13.61 6.61
C4C HEM C . -5.96 -14.08 7.94
CMC HEM C . -3.89 -11.96 5.61
CAC HEM C . -6.32 -14.09 5.30
CBC HEM C . -6.69 -13.26 4.30
C1D HEM C . -7.42 -15.39 9.46
C2D HEM C . -8.58 -16.26 9.66
C3D HEM C . -8.71 -16.37 11.19
C4D HEM C . -7.64 -15.56 11.76
CMD HEM C . -9.45 -16.93 8.57
CAD HEM C . -9.79 -17.18 11.94
CBD HEM C . -10.93 -16.22 12.25
CGD HEM C . -11.84 -16.80 13.30
O1D HEM C . -11.61 -16.54 14.51
O2D HEM C . -12.80 -17.51 12.92
NA HEM C . -5.64 -13.67 13.06
NB HEM C . -3.91 -12.15 11.22
NC HEM C . -5.13 -13.47 8.86
ND HEM C . -6.93 -15.00 10.70
FE HEM C . -5.36 -13.60 10.97
O1 OXY D . -6.69 -12.18 10.81
O2 OXY D . -7.41 -11.86 9.86
CHA HEM E . 10.47 7.68 -17.65
CHB HEM E . 5.74 6.84 -16.92
CHC HEM E . 6.87 3.37 -13.65
CHD HEM E . 11.57 4.43 -14.11
C1A HEM E . 9.09 7.79 -17.76
C2A HEM E . 8.34 8.69 -18.62
C3A HEM E . 7.03 8.46 -18.41
C4A HEM E . 6.90 7.39 -17.42
CMA HEM E . 5.86 9.21 -19.11
CAA HEM E . 8.94 9.75 -19.60
CBA HEM E . 9.06 9.08 -20.97
CGA HEM E . 9.96 9.77 -21.98
O1A HEM E . 9.80 9.49 -23.20
O2A HEM E . 10.84 10.58 -21.60
C1B HEM E . 5.61 5.81 -16.00
C2B HEM E . 4.37 5.20 -15.52
C3B HEM E . 4.69 4.24 -14.62
C4B HEM E . 6.14 4.21 -14.48
CMB HEM E . 2.95 5.60 -16.00
CAB HEM E . 3.71 3.33 -13.84
CBB HEM E . 3.03 3.79 -12.81
C1C HEM E . 8.24 3.39 -13.41
C2C HEM E . 8.98 2.69 -12.35
C3C HEM E . 10.29 2.99 -12.48
C4C HEM E . 10.41 3.89 -13.63
CMC HEM E . 8.32 1.78 -11.29
CAC HEM E . 11.54 2.52 -11.66
CBC HEM E . 11.50 1.83 -10.52
C1D HEM E . 11.71 5.41 -15.08
C2D HEM E . 12.97 6.02 -15.43
C3D HEM E . 12.62 7.03 -16.53
C4D HEM E . 11.19 6.94 -16.73
CMD HEM E . 14.35 5.72 -14.83
CAD HEM E . 13.61 7.97 -17.25
CBD HEM E . 13.82 9.16 -16.33
CGD HEM E . 14.85 10.09 -16.91
O1D HEM E . 16.05 9.81 -16.73
O2D HEM E . 14.45 11.10 -17.55
NA HEM E . 8.18 7.01 -17.06
NB HEM E . 6.65 5.18 -15.34
NC HEM E . 9.15 4.10 -14.16
ND HEM E . 10.69 5.96 -15.86
FE HEM E . 8.68 5.51 -15.57
O1 OXY F . 8.58 6.96 -14.14
O2 OXY F . 9.40 7.02 -13.25
#